data_5DKD
#
_entry.id   5DKD
#
_cell.length_a   45.926
_cell.length_b   74.566
_cell.length_c   52.626
_cell.angle_alpha   90.00
_cell.angle_beta   109.90
_cell.angle_gamma   90.00
#
_symmetry.space_group_name_H-M   'P 1 21 1'
#
loop_
_entity.id
_entity.type
_entity.pdbx_description
1 polymer 'Transcription activator BRG1'
2 non-polymer 'ZINC ION'
3 non-polymer 1,2-ETHANEDIOL
4 non-polymer (2E)-1-(2-hydroxyphenyl)-3-[(1R,4R)-5-(pyridin-2-yl)-2,5-diazabicyclo[2.2.1]hept-2-yl]prop-2-en-1-one
5 water water
#
_entity_poly.entity_id   1
_entity_poly.type   'polypeptide(L)'
_entity_poly.pdbx_seq_one_letter_code
;SMLSPNPPNLTKKMKKIVDAVIKYKDSSSGRQLSEVFIQLPSRKELPEYYELIRKPVDFKKIKERIRNHKYRSLNDLEKD
VMLLCQNAQTFNLEGSLIYEDSIVLQSVFTSVRQKIEKEDD
;
_entity_poly.pdbx_strand_id   A,B
#
# COMPACT_ATOMS: atom_id res chain seq x y z
N ASN A 9 6.27 2.91 25.49
CA ASN A 9 4.81 3.09 25.17
C ASN A 9 4.48 3.14 23.66
N LEU A 10 4.90 4.19 22.96
CA LEU A 10 4.94 4.05 21.51
C LEU A 10 6.07 3.09 21.19
N THR A 11 7.22 3.25 21.84
CA THR A 11 8.38 2.39 21.58
C THR A 11 7.97 0.93 21.73
N LYS A 12 7.24 0.60 22.80
CA LYS A 12 6.89 -0.78 23.13
C LYS A 12 5.86 -1.40 22.21
N LYS A 13 4.95 -0.56 21.70
CA LYS A 13 3.97 -1.00 20.70
C LYS A 13 4.62 -1.21 19.33
N MET A 14 5.60 -0.38 18.99
CA MET A 14 6.42 -0.60 17.78
C MET A 14 7.17 -1.91 17.90
N LYS A 15 7.79 -2.14 19.04
CA LYS A 15 8.47 -3.42 19.31
C LYS A 15 7.58 -4.62 19.12
N LYS A 16 6.37 -4.53 19.66
CA LYS A 16 5.43 -5.66 19.67
C LYS A 16 5.03 -6.07 18.25
N ILE A 17 4.73 -5.04 17.45
CA ILE A 17 4.34 -5.20 16.06
C ILE A 17 5.53 -5.84 15.25
N VAL A 18 6.74 -5.30 15.41
CA VAL A 18 7.87 -5.86 14.69
C VAL A 18 8.21 -7.26 15.13
N ASP A 19 8.15 -7.56 16.43
CA ASP A 19 8.43 -8.89 16.92
C ASP A 19 7.45 -9.86 16.29
N ALA A 20 6.20 -9.45 16.17
CA ALA A 20 5.20 -10.36 15.65
C ALA A 20 5.31 -10.54 14.12
N VAL A 21 5.67 -9.50 13.40
CA VAL A 21 5.95 -9.66 11.95
C VAL A 21 7.18 -10.57 11.74
N ILE A 22 8.18 -10.43 12.60
CA ILE A 22 9.37 -11.28 12.51
C ILE A 22 9.02 -12.74 12.81
N LYS A 23 8.18 -12.96 13.81
CA LYS A 23 7.80 -14.28 14.22
C LYS A 23 6.84 -15.00 13.27
N TYR A 24 6.15 -14.23 12.42
CA TYR A 24 5.13 -14.80 11.56
C TYR A 24 5.60 -16.00 10.72
N LYS A 25 4.75 -17.03 10.68
CA LYS A 25 5.02 -18.25 9.97
C LYS A 25 3.95 -18.53 8.94
N ASP A 26 4.35 -18.91 7.74
CA ASP A 26 3.41 -19.35 6.70
C ASP A 26 2.57 -20.51 7.22
N SER A 27 1.28 -20.48 6.91
CA SER A 27 0.28 -21.44 7.42
C SER A 27 0.59 -22.92 7.20
N SER A 28 0.77 -23.28 5.93
CA SER A 28 0.92 -24.68 5.56
C SER A 28 2.33 -25.12 5.86
N SER A 29 3.30 -24.30 5.46
CA SER A 29 4.69 -24.67 5.61
C SER A 29 5.16 -24.47 7.03
N GLY A 30 4.60 -23.52 7.76
CA GLY A 30 5.22 -23.09 9.02
C GLY A 30 6.54 -22.33 8.85
N ARG A 31 6.90 -21.92 7.62
CA ARG A 31 8.16 -21.21 7.40
C ARG A 31 8.10 -19.77 7.87
N GLN A 32 9.15 -19.35 8.56
CA GLN A 32 9.24 -18.00 9.06
C GLN A 32 9.70 -17.05 7.97
N LEU A 33 8.74 -16.29 7.43
CA LEU A 33 8.96 -15.49 6.23
C LEU A 33 10.05 -14.46 6.37
N SER A 34 10.16 -13.82 7.56
CA SER A 34 11.15 -12.76 7.79
C SER A 34 12.62 -13.17 7.72
N GLU A 35 12.90 -14.47 7.72
CA GLU A 35 14.21 -14.93 8.11
C GLU A 35 15.34 -14.27 7.30
N VAL A 36 15.21 -14.23 5.97
CA VAL A 36 16.25 -13.67 5.15
C VAL A 36 16.40 -12.14 5.26
N PHE A 37 15.38 -11.47 5.78
CA PHE A 37 15.31 -10.08 5.85
C PHE A 37 15.83 -9.53 7.20
N ILE A 38 16.28 -10.39 8.11
CA ILE A 38 16.66 -9.92 9.42
C ILE A 38 17.93 -9.10 9.31
N GLN A 39 18.84 -9.62 8.50
CA GLN A 39 20.14 -9.07 8.38
C GLN A 39 20.69 -9.16 6.98
N LEU A 40 20.93 -8.00 6.38
CA LEU A 40 21.43 -7.89 5.02
C LEU A 40 22.85 -8.47 4.98
N PRO A 41 23.21 -9.14 3.88
CA PRO A 41 24.65 -9.46 3.70
C PRO A 41 25.46 -8.18 3.78
N SER A 42 26.71 -8.29 4.28
CA SER A 42 27.59 -7.10 4.44
C SER A 42 27.96 -6.52 3.11
N ARG A 43 28.43 -5.29 3.12
CA ARG A 43 28.97 -4.64 1.91
C ARG A 43 30.03 -5.46 1.19
N LYS A 44 30.88 -6.17 1.92
CA LYS A 44 31.85 -7.01 1.21
C LYS A 44 31.31 -8.31 0.70
N GLU A 45 30.27 -8.84 1.35
CA GLU A 45 29.66 -10.08 0.89
C GLU A 45 28.86 -9.84 -0.38
N LEU A 46 28.25 -8.66 -0.49
CA LEU A 46 27.28 -8.41 -1.55
C LEU A 46 27.31 -6.94 -2.00
N PRO A 47 28.42 -6.53 -2.64
CA PRO A 47 28.52 -5.09 -3.00
C PRO A 47 27.48 -4.61 -4.01
N GLU A 48 27.02 -5.52 -4.88
CA GLU A 48 25.96 -5.23 -5.83
C GLU A 48 24.71 -4.64 -5.13
N TYR A 49 24.33 -5.20 -3.99
CA TYR A 49 23.16 -4.68 -3.24
C TYR A 49 23.29 -3.20 -2.95
N TYR A 50 24.49 -2.80 -2.51
CA TYR A 50 24.70 -1.41 -2.09
C TYR A 50 24.91 -0.49 -3.26
N GLU A 51 25.26 -1.03 -4.43
CA GLU A 51 25.32 -0.19 -5.63
C GLU A 51 23.90 0.10 -6.13
N LEU A 52 23.03 -0.90 -6.12
CA LEU A 52 21.70 -0.77 -6.68
C LEU A 52 20.72 -0.07 -5.73
N ILE A 53 20.80 -0.38 -4.46
CA ILE A 53 19.81 0.03 -3.52
C ILE A 53 20.28 1.29 -2.79
N ARG A 54 19.44 2.33 -2.84
CA ARG A 54 19.77 3.65 -2.27
C ARG A 54 19.69 3.73 -0.73
N LYS A 55 18.64 3.18 -0.11
CA LYS A 55 18.53 3.20 1.36
C LYS A 55 18.32 1.77 1.92
N PRO A 56 19.40 1.01 2.01
CA PRO A 56 19.34 -0.34 2.53
C PRO A 56 18.80 -0.37 3.94
N VAL A 57 17.95 -1.34 4.23
CA VAL A 57 17.36 -1.45 5.54
C VAL A 57 16.98 -2.93 5.75
N ASP A 58 17.21 -3.43 6.97
CA ASP A 58 16.83 -4.80 7.31
C ASP A 58 16.09 -4.79 8.66
N PHE A 59 15.48 -5.88 9.09
CA PHE A 59 14.78 -5.83 10.32
C PHE A 59 15.65 -5.50 11.55
N LYS A 60 16.93 -5.89 11.55
CA LYS A 60 17.86 -5.52 12.62
C LYS A 60 17.91 -3.99 12.79
N LYS A 61 18.06 -3.29 11.68
CA LYS A 61 18.06 -1.82 11.63
C LYS A 61 16.77 -1.22 12.10
N ILE A 62 15.65 -1.81 11.68
CA ILE A 62 14.36 -1.32 12.09
C ILE A 62 14.25 -1.43 13.60
N LYS A 63 14.67 -2.56 14.20
CA LYS A 63 14.63 -2.71 15.65
C LYS A 63 15.52 -1.71 16.37
N GLU A 64 16.65 -1.38 15.78
CA GLU A 64 17.59 -0.34 16.30
C GLU A 64 17.00 1.07 16.24
N ARG A 65 16.30 1.37 15.15
CA ARG A 65 15.63 2.68 15.01
C ARG A 65 14.47 2.82 16.02
N ILE A 66 13.79 1.72 16.29
CA ILE A 66 12.81 1.69 17.37
C ILE A 66 13.48 1.98 18.72
N ARG A 67 14.42 1.14 19.13
CA ARG A 67 15.14 1.29 20.40
C ARG A 67 15.76 2.67 20.52
N ASN A 68 16.16 3.30 19.43
CA ASN A 68 16.80 4.62 19.43
C ASN A 68 15.83 5.81 19.25
N HIS A 69 14.53 5.56 19.34
CA HIS A 69 13.48 6.57 19.18
C HIS A 69 13.53 7.36 17.88
N LYS A 70 13.75 6.65 16.79
CA LYS A 70 13.90 7.32 15.53
C LYS A 70 12.60 7.44 14.77
N TYR A 71 11.57 6.72 15.20
CA TYR A 71 10.27 6.80 14.58
C TYR A 71 9.35 7.60 15.46
N ARG A 72 8.73 8.60 14.84
CA ARG A 72 7.85 9.48 15.52
C ARG A 72 6.44 8.89 15.56
N SER A 73 6.04 8.12 14.52
CA SER A 73 4.67 7.55 14.43
C SER A 73 4.71 6.09 13.97
N LEU A 74 3.65 5.35 14.23
CA LEU A 74 3.47 4.04 13.60
C LEU A 74 3.55 4.15 12.06
N ASN A 75 3.11 5.28 11.52
CA ASN A 75 3.32 5.57 10.10
C ASN A 75 4.79 5.62 9.63
N ASP A 76 5.65 6.21 10.42
CA ASP A 76 7.05 6.17 10.11
C ASP A 76 7.61 4.76 10.23
N LEU A 77 7.19 3.97 11.22
CA LEU A 77 7.60 2.55 11.26
C LEU A 77 7.14 1.82 9.97
N GLU A 78 5.86 1.94 9.61
CA GLU A 78 5.34 1.28 8.42
C GLU A 78 6.15 1.65 7.18
N LYS A 79 6.46 2.93 7.06
CA LYS A 79 7.23 3.41 5.94
C LYS A 79 8.58 2.71 5.75
N ASP A 80 9.27 2.41 6.85
CA ASP A 80 10.54 1.75 6.74
C ASP A 80 10.36 0.26 6.41
N VAL A 81 9.36 -0.38 7.00
CA VAL A 81 9.05 -1.77 6.61
C VAL A 81 8.69 -1.86 5.12
N MET A 82 7.83 -0.97 4.63
CA MET A 82 7.44 -1.03 3.25
C MET A 82 8.65 -0.76 2.34
N LEU A 83 9.56 0.10 2.77
CA LEU A 83 10.83 0.29 2.06
C LEU A 83 11.72 -0.97 2.03
N LEU A 84 11.90 -1.68 3.14
CA LEU A 84 12.61 -2.94 3.14
C LEU A 84 12.00 -3.84 2.05
N CYS A 85 10.69 -3.93 2.01
CA CYS A 85 10.06 -4.81 1.03
C CYS A 85 10.26 -4.30 -0.39
N GLN A 86 10.10 -3.00 -0.61
CA GLN A 86 10.40 -2.41 -1.92
C GLN A 86 11.82 -2.70 -2.40
N ASN A 87 12.78 -2.55 -1.50
CA ASN A 87 14.17 -2.82 -1.78
C ASN A 87 14.39 -4.30 -2.14
N ALA A 88 13.73 -5.20 -1.42
CA ALA A 88 13.76 -6.60 -1.81
C ALA A 88 13.22 -6.83 -3.19
N GLN A 89 12.15 -6.16 -3.57
CA GLN A 89 11.55 -6.35 -4.89
C GLN A 89 12.39 -5.73 -6.03
N THR A 90 13.20 -4.74 -5.69
CA THR A 90 14.11 -4.13 -6.66
C THR A 90 15.34 -5.00 -6.89
N PHE A 91 15.95 -5.52 -5.82
CA PHE A 91 17.16 -6.34 -5.92
C PHE A 91 16.91 -7.75 -6.48
N ASN A 92 15.83 -8.40 -6.04
CA ASN A 92 15.57 -9.77 -6.40
C ASN A 92 14.59 -9.83 -7.57
N LEU A 93 14.60 -10.90 -8.33
CA LEU A 93 13.72 -11.00 -9.50
C LEU A 93 12.27 -11.31 -9.14
N GLU A 94 11.34 -10.74 -9.89
CA GLU A 94 9.94 -11.04 -9.81
C GLU A 94 9.81 -12.53 -10.23
N GLY A 95 9.09 -13.33 -9.45
CA GLY A 95 9.06 -14.78 -9.66
C GLY A 95 9.95 -15.58 -8.70
N SER A 96 10.81 -14.90 -7.94
CA SER A 96 11.63 -15.55 -6.95
C SER A 96 10.84 -15.66 -5.64
N LEU A 97 11.20 -16.66 -4.83
CA LEU A 97 10.58 -16.79 -3.51
C LEU A 97 10.84 -15.56 -2.63
N ILE A 98 12.07 -15.06 -2.64
CA ILE A 98 12.39 -13.96 -1.72
C ILE A 98 11.55 -12.74 -2.05
N TYR A 99 11.46 -12.45 -3.34
CA TYR A 99 10.60 -11.36 -3.81
C TYR A 99 9.19 -11.51 -3.27
N GLU A 100 8.64 -12.72 -3.35
CA GLU A 100 7.26 -12.92 -2.96
C GLU A 100 7.13 -12.82 -1.44
N ASP A 101 8.10 -13.37 -0.72
CA ASP A 101 8.06 -13.24 0.72
C ASP A 101 7.95 -11.75 1.10
N SER A 102 8.61 -10.85 0.39
CA SER A 102 8.61 -9.45 0.71
C SER A 102 7.22 -8.90 0.42
N ILE A 103 6.59 -9.40 -0.63
CA ILE A 103 5.26 -8.99 -0.98
C ILE A 103 4.30 -9.34 0.15
N VAL A 104 4.35 -10.60 0.60
CA VAL A 104 3.45 -11.10 1.68
C VAL A 104 3.67 -10.39 3.02
N LEU A 105 4.91 -10.02 3.33
CA LEU A 105 5.22 -9.35 4.55
C LEU A 105 4.64 -7.95 4.60
N GLN A 106 4.43 -7.31 3.46
CA GLN A 106 3.61 -6.10 3.43
C GLN A 106 2.22 -6.29 4.12
N SER A 107 1.49 -7.35 3.82
CA SER A 107 0.18 -7.50 4.48
C SER A 107 0.27 -8.09 5.86
N VAL A 108 1.31 -8.87 6.15
CA VAL A 108 1.53 -9.31 7.50
C VAL A 108 1.70 -8.05 8.36
N PHE A 109 2.49 -7.08 7.90
CA PHE A 109 2.73 -5.90 8.69
C PHE A 109 1.41 -5.19 8.99
N THR A 110 0.65 -4.89 7.95
CA THR A 110 -0.60 -4.13 8.14
C THR A 110 -1.63 -4.85 9.04
N SER A 111 -1.70 -6.17 8.93
CA SER A 111 -2.54 -6.99 9.81
C SER A 111 -2.11 -6.95 11.26
N VAL A 112 -0.83 -7.22 11.48
CA VAL A 112 -0.29 -7.16 12.82
C VAL A 112 -0.52 -5.75 13.42
N ARG A 113 -0.18 -4.71 12.67
CA ARG A 113 -0.39 -3.34 13.12
C ARG A 113 -1.80 -3.11 13.62
N GLN A 114 -2.79 -3.50 12.80
CA GLN A 114 -4.22 -3.30 13.11
C GLN A 114 -4.61 -4.00 14.42
N LYS A 115 -4.28 -5.28 14.51
CA LYS A 115 -4.62 -6.06 15.69
C LYS A 115 -4.11 -5.35 16.92
N ILE A 116 -2.82 -5.00 16.88
CA ILE A 116 -2.16 -4.35 18.00
C ILE A 116 -2.74 -2.97 18.32
N GLU A 117 -3.04 -2.18 17.29
CA GLU A 117 -3.73 -0.88 17.48
C GLU A 117 -5.10 -0.98 18.20
N LYS A 118 -5.72 -2.16 18.16
CA LYS A 118 -6.97 -2.43 18.83
C LYS A 118 -6.68 -3.21 20.09
N ASN B 9 5.84 -4.28 -17.09
CA ASN B 9 6.01 -4.59 -15.64
C ASN B 9 4.82 -3.99 -14.90
N LEU B 10 3.88 -4.89 -14.59
CA LEU B 10 2.47 -4.52 -14.44
C LEU B 10 2.27 -3.70 -13.20
N THR B 11 2.89 -4.09 -12.09
CA THR B 11 2.73 -3.35 -10.83
C THR B 11 3.04 -1.85 -11.00
N LYS B 12 4.14 -1.53 -11.67
CA LYS B 12 4.59 -0.12 -11.80
C LYS B 12 3.73 0.70 -12.70
N LYS B 13 3.13 0.04 -13.68
CA LYS B 13 2.23 0.69 -14.61
C LYS B 13 0.83 0.94 -14.01
N MET B 14 0.40 0.01 -13.15
CA MET B 14 -0.80 0.23 -12.36
C MET B 14 -0.57 1.43 -11.44
N LYS B 15 0.58 1.46 -10.77
CA LYS B 15 0.95 2.61 -9.94
C LYS B 15 0.91 3.93 -10.67
N LYS B 16 1.46 3.92 -11.88
CA LYS B 16 1.61 5.12 -12.69
C LYS B 16 0.24 5.72 -13.08
N ILE B 17 -0.69 4.84 -13.45
CA ILE B 17 -2.09 5.19 -13.79
C ILE B 17 -2.81 5.75 -12.56
N VAL B 18 -2.73 5.02 -11.45
CA VAL B 18 -3.38 5.51 -10.25
C VAL B 18 -2.81 6.84 -9.76
N ASP B 19 -1.48 7.04 -9.80
CA ASP B 19 -0.87 8.30 -9.36
C ASP B 19 -1.42 9.41 -10.21
N ALA B 20 -1.58 9.16 -11.50
CA ALA B 20 -2.01 10.21 -12.37
C ALA B 20 -3.49 10.53 -12.21
N VAL B 21 -4.31 9.53 -11.96
CA VAL B 21 -5.74 9.80 -11.66
C VAL B 21 -5.85 10.58 -10.34
N ILE B 22 -5.03 10.22 -9.36
CA ILE B 22 -5.06 10.91 -8.10
C ILE B 22 -4.64 12.38 -8.27
N LYS B 23 -3.61 12.60 -9.04
CA LYS B 23 -3.04 13.90 -9.19
C LYS B 23 -3.90 14.85 -10.08
N TYR B 24 -4.84 14.26 -10.84
CA TYR B 24 -5.61 15.01 -11.79
C TYR B 24 -6.32 16.21 -11.20
N LYS B 25 -6.22 17.34 -11.89
CA LYS B 25 -6.87 18.58 -11.46
C LYS B 25 -7.84 19.06 -12.52
N ASP B 26 -9.00 19.50 -12.08
CA ASP B 26 -9.95 20.15 -12.97
C ASP B 26 -9.34 21.38 -13.62
N SER B 27 -9.58 21.55 -14.92
CA SER B 27 -8.96 22.61 -15.75
C SER B 27 -9.07 24.02 -15.26
N SER B 28 -10.32 24.43 -15.09
CA SER B 28 -10.65 25.81 -14.78
C SER B 28 -10.42 26.09 -13.30
N SER B 29 -10.88 25.17 -12.45
CA SER B 29 -10.74 25.35 -11.03
C SER B 29 -9.34 24.98 -10.53
N GLY B 30 -8.67 24.05 -11.20
CA GLY B 30 -7.45 23.46 -10.61
C GLY B 30 -7.70 22.54 -9.43
N ARG B 31 -8.97 22.23 -9.13
CA ARG B 31 -9.27 21.39 -7.99
C ARG B 31 -8.88 19.92 -8.27
N GLN B 32 -8.24 19.32 -7.29
CA GLN B 32 -7.88 17.91 -7.39
C GLN B 32 -9.08 17.05 -7.03
N LEU B 33 -9.70 16.49 -8.06
CA LEU B 33 -10.94 15.73 -7.90
C LEU B 33 -10.86 14.54 -6.92
N SER B 34 -9.75 13.81 -6.93
CA SER B 34 -9.58 12.61 -6.09
C SER B 34 -9.59 12.86 -4.55
N GLU B 35 -9.50 14.12 -4.11
CA GLU B 35 -9.08 14.40 -2.73
C GLU B 35 -9.90 13.66 -1.71
N VAL B 36 -11.21 13.77 -1.83
CA VAL B 36 -12.08 13.17 -0.86
C VAL B 36 -12.08 11.62 -0.91
N PHE B 37 -11.57 11.03 -1.98
CA PHE B 37 -11.66 9.62 -2.21
C PHE B 37 -10.36 8.91 -1.81
N ILE B 38 -9.39 9.64 -1.28
CA ILE B 38 -8.13 9.02 -0.97
C ILE B 38 -8.30 8.05 0.20
N GLN B 39 -9.05 8.51 1.18
CA GLN B 39 -9.21 7.80 2.41
C GLN B 39 -10.60 7.95 2.95
N LEU B 40 -11.30 6.85 3.07
CA LEU B 40 -12.64 6.78 3.64
C LEU B 40 -12.61 7.19 5.12
N PRO B 41 -13.64 7.89 5.60
CA PRO B 41 -13.75 8.05 7.06
C PRO B 41 -13.76 6.67 7.72
N SER B 42 -13.24 6.59 8.96
CA SER B 42 -13.18 5.31 9.69
C SER B 42 -14.58 4.83 10.04
N ARG B 43 -14.70 3.55 10.36
CA ARG B 43 -15.96 2.99 10.83
C ARG B 43 -16.58 3.76 11.97
N LYS B 44 -15.74 4.25 12.87
CA LYS B 44 -16.17 5.03 14.01
C LYS B 44 -16.70 6.40 13.62
N GLU B 45 -16.05 7.01 12.65
CA GLU B 45 -16.43 8.35 12.19
C GLU B 45 -17.75 8.31 11.42
N LEU B 46 -17.98 7.24 10.66
CA LEU B 46 -19.07 7.21 9.69
C LEU B 46 -19.65 5.81 9.54
N PRO B 47 -20.31 5.32 10.60
CA PRO B 47 -20.78 3.93 10.53
C PRO B 47 -21.83 3.67 9.44
N GLU B 48 -22.61 4.71 9.10
CA GLU B 48 -23.62 4.63 8.04
C GLU B 48 -23.03 4.14 6.73
N TYR B 49 -21.84 4.64 6.41
CA TYR B 49 -21.16 4.20 5.19
C TYR B 49 -21.01 2.68 5.14
N TYR B 50 -20.59 2.09 6.25
CA TYR B 50 -20.26 0.67 6.27
C TYR B 50 -21.49 -0.19 6.38
N GLU B 51 -22.59 0.37 6.82
CA GLU B 51 -23.86 -0.37 6.78
C GLU B 51 -24.43 -0.43 5.38
N LEU B 52 -24.33 0.67 4.64
CA LEU B 52 -24.91 0.73 3.32
C LEU B 52 -24.02 0.09 2.27
N ILE B 53 -22.73 0.29 2.37
CA ILE B 53 -21.81 -0.07 1.29
C ILE B 53 -21.14 -1.40 1.62
N ARG B 54 -21.27 -2.36 0.73
CA ARG B 54 -20.79 -3.71 1.05
C ARG B 54 -19.32 -3.96 0.74
N LYS B 55 -18.73 -3.31 -0.25
CA LYS B 55 -17.28 -3.46 -0.46
C LYS B 55 -16.58 -2.09 -0.52
N PRO B 56 -16.40 -1.46 0.65
CA PRO B 56 -15.78 -0.15 0.73
C PRO B 56 -14.38 -0.17 0.18
N VAL B 57 -14.05 0.85 -0.59
CA VAL B 57 -12.75 0.92 -1.19
C VAL B 57 -12.41 2.40 -1.39
N ASP B 58 -11.15 2.74 -1.13
CA ASP B 58 -10.68 4.11 -1.33
C ASP B 58 -9.34 4.06 -2.11
N PHE B 59 -8.84 5.18 -2.56
CA PHE B 59 -7.63 5.10 -3.32
C PHE B 59 -6.42 4.57 -2.53
N LYS B 60 -6.38 4.81 -1.20
CA LYS B 60 -5.32 4.23 -0.35
C LYS B 60 -5.30 2.68 -0.46
N LYS B 61 -6.48 2.06 -0.34
CA LYS B 61 -6.66 0.61 -0.53
C LYS B 61 -6.28 0.15 -1.91
N ILE B 62 -6.65 0.90 -2.95
CA ILE B 62 -6.29 0.52 -4.31
C ILE B 62 -4.78 0.52 -4.44
N LYS B 63 -4.08 1.50 -3.88
CA LYS B 63 -2.62 1.53 -3.94
C LYS B 63 -1.98 0.34 -3.21
N GLU B 64 -2.61 -0.05 -2.11
CA GLU B 64 -2.19 -1.23 -1.32
C GLU B 64 -2.41 -2.56 -2.07
N ARG B 65 -3.54 -2.69 -2.75
CA ARG B 65 -3.82 -3.89 -3.55
C ARG B 65 -2.87 -4.02 -4.76
N ILE B 66 -2.48 -2.87 -5.31
CA ILE B 66 -1.42 -2.83 -6.28
C ILE B 66 -0.09 -3.33 -5.67
N ARG B 67 0.40 -2.64 -4.66
CA ARG B 67 1.67 -3.00 -4.01
C ARG B 67 1.66 -4.45 -3.56
N ASN B 68 0.49 -5.00 -3.18
CA ASN B 68 0.35 -6.39 -2.71
C ASN B 68 0.02 -7.42 -3.81
N HIS B 69 0.17 -7.04 -5.08
CA HIS B 69 -0.08 -7.89 -6.25
C HIS B 69 -1.46 -8.55 -6.24
N LYS B 70 -2.49 -7.76 -5.92
CA LYS B 70 -3.80 -8.32 -5.83
C LYS B 70 -4.57 -8.22 -7.11
N TYR B 71 -4.07 -7.44 -8.07
CA TYR B 71 -4.71 -7.31 -9.39
C TYR B 71 -3.91 -8.10 -10.40
N ARG B 72 -4.63 -8.95 -11.11
CA ARG B 72 -4.05 -9.77 -12.14
C ARG B 72 -3.98 -9.01 -13.45
N SER B 73 -4.92 -8.07 -13.74
CA SER B 73 -4.95 -7.32 -15.02
C SER B 73 -5.23 -5.84 -14.79
N LEU B 74 -4.92 -5.00 -15.77
CA LEU B 74 -5.43 -3.61 -15.77
C LEU B 74 -6.98 -3.59 -15.68
N ASN B 75 -7.65 -4.59 -16.24
CA ASN B 75 -9.11 -4.74 -16.06
C ASN B 75 -9.55 -4.93 -14.63
N ASP B 76 -8.82 -5.73 -13.86
CA ASP B 76 -9.12 -5.85 -12.46
C ASP B 76 -8.83 -4.54 -11.71
N LEU B 77 -7.77 -3.80 -12.08
CA LEU B 77 -7.61 -2.44 -11.48
C LEU B 77 -8.84 -1.58 -11.80
N GLU B 78 -9.22 -1.51 -13.07
CA GLU B 78 -10.32 -0.65 -13.49
C GLU B 78 -11.61 -0.99 -12.73
N LYS B 79 -11.86 -2.29 -12.60
CA LYS B 79 -13.00 -2.75 -11.86
C LYS B 79 -13.07 -2.13 -10.45
N ASP B 80 -11.93 -2.05 -9.77
CA ASP B 80 -11.96 -1.58 -8.38
C ASP B 80 -12.12 -0.06 -8.33
N VAL B 81 -11.49 0.66 -9.26
CA VAL B 81 -11.76 2.08 -9.42
C VAL B 81 -13.23 2.36 -9.71
N MET B 82 -13.82 1.63 -10.67
CA MET B 82 -15.21 1.85 -11.02
C MET B 82 -16.12 1.51 -9.83
N LEU B 83 -15.79 0.48 -9.06
CA LEU B 83 -16.49 0.22 -7.81
C LEU B 83 -16.39 1.37 -6.75
N LEU B 84 -15.20 1.96 -6.54
CA LEU B 84 -15.09 3.12 -5.67
C LEU B 84 -16.12 4.16 -6.14
N CYS B 85 -16.19 4.41 -7.43
CA CYS B 85 -17.07 5.46 -7.91
C CYS B 85 -18.52 5.08 -7.74
N GLN B 86 -18.85 3.83 -8.05
CA GLN B 86 -20.21 3.32 -7.83
C GLN B 86 -20.65 3.43 -6.37
N ASN B 87 -19.77 3.04 -5.47
CA ASN B 87 -19.99 3.23 -4.05
C ASN B 87 -20.23 4.69 -3.66
N ALA B 88 -19.41 5.61 -4.18
CA ALA B 88 -19.66 7.04 -3.93
C ALA B 88 -21.01 7.49 -4.43
N GLN B 89 -21.46 6.96 -5.56
CA GLN B 89 -22.78 7.35 -6.12
C GLN B 89 -23.97 6.73 -5.33
N THR B 90 -23.70 5.64 -4.63
CA THR B 90 -24.70 5.00 -3.79
C THR B 90 -24.85 5.71 -2.46
N PHE B 91 -23.73 6.03 -1.82
CA PHE B 91 -23.73 6.75 -0.53
C PHE B 91 -24.15 8.20 -0.60
N ASN B 92 -23.69 8.93 -1.61
CA ASN B 92 -23.92 10.37 -1.68
C ASN B 92 -25.08 10.65 -2.64
N LEU B 93 -25.73 11.78 -2.48
CA LEU B 93 -26.90 12.09 -3.30
C LEU B 93 -26.54 12.54 -4.72
N GLU B 94 -27.35 12.12 -5.67
CA GLU B 94 -27.26 12.60 -7.03
C GLU B 94 -27.52 14.14 -6.95
N GLY B 95 -26.69 14.97 -7.62
CA GLY B 95 -26.79 16.41 -7.49
C GLY B 95 -25.78 16.99 -6.50
N SER B 96 -25.06 16.13 -5.76
CA SER B 96 -24.00 16.60 -4.88
C SER B 96 -22.70 16.69 -5.69
N LEU B 97 -21.79 17.57 -5.24
CA LEU B 97 -20.51 17.66 -5.86
C LEU B 97 -19.73 16.34 -5.79
N ILE B 98 -19.73 15.70 -4.63
CA ILE B 98 -18.91 14.49 -4.45
C ILE B 98 -19.38 13.42 -5.41
N TYR B 99 -20.69 13.27 -5.53
CA TYR B 99 -21.28 12.33 -6.50
C TYR B 99 -20.72 12.62 -7.87
N GLU B 100 -20.71 13.89 -8.26
CA GLU B 100 -20.33 14.22 -9.62
C GLU B 100 -18.84 14.02 -9.82
N ASP B 101 -18.06 14.33 -8.78
CA ASP B 101 -16.65 14.07 -8.85
C ASP B 101 -16.36 12.59 -9.12
N SER B 102 -17.14 11.68 -8.54
CA SER B 102 -16.95 10.26 -8.76
C SER B 102 -17.30 9.91 -10.21
N ILE B 103 -18.33 10.57 -10.75
CA ILE B 103 -18.73 10.37 -12.14
C ILE B 103 -17.57 10.74 -13.09
N VAL B 104 -17.03 11.93 -12.91
CA VAL B 104 -15.91 12.42 -13.69
C VAL B 104 -14.65 11.61 -13.59
N LEU B 105 -14.37 11.07 -12.41
CA LEU B 105 -13.20 10.24 -12.25
C LEU B 105 -13.27 8.92 -13.02
N GLN B 106 -14.47 8.41 -13.26
CA GLN B 106 -14.63 7.29 -14.21
C GLN B 106 -13.95 7.58 -15.56
N SER B 107 -14.14 8.75 -16.14
CA SER B 107 -13.50 9.00 -17.44
C SER B 107 -12.04 9.47 -17.34
N VAL B 108 -11.67 10.09 -16.24
CA VAL B 108 -10.28 10.35 -15.97
C VAL B 108 -9.51 9.04 -15.93
N PHE B 109 -10.05 8.03 -15.27
CA PHE B 109 -9.38 6.76 -15.20
C PHE B 109 -9.16 6.18 -16.58
N THR B 110 -10.24 6.06 -17.35
CA THR B 110 -10.13 5.45 -18.71
C THR B 110 -9.18 6.20 -19.65
N SER B 111 -9.17 7.52 -19.58
CA SER B 111 -8.23 8.36 -20.33
C SER B 111 -6.80 8.14 -19.92
N VAL B 112 -6.54 8.25 -18.63
CA VAL B 112 -5.19 7.99 -18.13
C VAL B 112 -4.73 6.58 -18.54
N ARG B 113 -5.57 5.58 -18.29
CA ARG B 113 -5.23 4.20 -18.68
C ARG B 113 -4.79 4.10 -20.12
N GLN B 114 -5.58 4.67 -21.03
CA GLN B 114 -5.34 4.59 -22.49
C GLN B 114 -4.04 5.25 -22.90
N LYS B 115 -3.83 6.45 -22.42
CA LYS B 115 -2.60 7.11 -22.71
C LYS B 115 -1.43 6.25 -22.29
N ILE B 116 -1.44 5.77 -21.05
CA ILE B 116 -0.34 4.99 -20.49
C ILE B 116 -0.13 3.68 -21.25
N GLU B 117 -1.23 3.02 -21.62
CA GLU B 117 -1.15 1.81 -22.45
C GLU B 117 -0.40 1.99 -23.78
N LYS B 118 -0.22 3.22 -24.24
CA LYS B 118 0.63 3.44 -25.43
C LYS B 118 2.14 3.14 -25.20
#